data_6L4L
#
_entry.id   6L4L
#
_cell.length_a   70.748
_cell.length_b   60.293
_cell.length_c   76.991
_cell.angle_alpha   90.000
_cell.angle_beta   116.910
_cell.angle_gamma   90.000
#
_symmetry.space_group_name_H-M   'C 1 2 1'
#
loop_
_entity.id
_entity.type
_entity.pdbx_description
1 polymer 'Diaminopimelate epimerase'
2 non-polymer 1,2-ETHANEDIOL
3 water water
#
_entity_poly.entity_id   1
_entity_poly.type   'polypeptide(L)'
_entity_poly.pdbx_seq_one_letter_code
;MNRQVIEFSKYNPSGNMTILVHSKHDASEYASIANQLMAATHVCCEQVGFIESTQNDDGNDFHLVMSGNEFCGNATMSYI
HHLQESHLLKDQQFKVKVSGCSDLVQCAIHDCQYYEVQMPQAHRVVPTTINMGNHSWKALEIIYETYVHYVIPVKQVTTE
IQHLVEAFVREQQWSHKYKTVGMMLFDEQRQFLQPLIYIPEIQSLIWENSCGSGTASIGVFNNYQRNDACKDFTVHQPGG
SILVTSKRCHQLGYQTSIKGQVTTVATGKAYIELEHHHHHH
;
_entity_poly.pdbx_strand_id   A
#
loop_
_chem_comp.id
_chem_comp.type
_chem_comp.name
_chem_comp.formula
EDO non-polymer 1,2-ETHANEDIOL 'C2 H6 O2'
#
# COMPACT_ATOMS: atom_id res chain seq x y z
N GLN A 4 11.54 -23.74 14.38
CA GLN A 4 12.43 -22.64 13.88
C GLN A 4 12.09 -21.33 14.61
N VAL A 5 13.12 -20.58 15.02
CA VAL A 5 12.99 -19.28 15.73
C VAL A 5 13.04 -18.14 14.70
N ILE A 6 11.97 -17.34 14.62
CA ILE A 6 11.92 -16.10 13.79
C ILE A 6 12.02 -14.91 14.73
N GLU A 7 13.05 -14.09 14.58
CA GLU A 7 13.17 -12.79 15.30
C GLU A 7 12.45 -11.75 14.44
N PHE A 8 11.47 -11.07 15.00
CA PHE A 8 10.57 -10.16 14.24
C PHE A 8 10.14 -8.96 15.11
N SER A 9 9.68 -7.93 14.42
CA SER A 9 9.02 -6.74 15.01
C SER A 9 7.74 -6.47 14.26
N LYS A 10 6.73 -5.99 14.98
CA LYS A 10 5.39 -5.61 14.46
C LYS A 10 5.27 -4.10 14.55
N TYR A 11 4.78 -3.48 13.48
CA TYR A 11 4.74 -2.00 13.34
C TYR A 11 3.33 -1.56 13.00
N ASN A 12 3.05 -0.30 13.33
CA ASN A 12 1.76 0.38 13.08
C ASN A 12 2.03 1.62 12.22
N PRO A 13 2.05 1.46 10.88
CA PRO A 13 1.96 2.61 9.97
C PRO A 13 0.48 2.97 9.74
N SER A 14 -0.04 3.90 10.54
CA SER A 14 -1.39 4.50 10.36
C SER A 14 -2.50 3.44 10.43
N GLY A 15 -2.37 2.47 11.35
CA GLY A 15 -3.46 1.54 11.73
C GLY A 15 -3.45 0.26 10.91
N ASN A 16 -2.56 0.14 9.93
CA ASN A 16 -2.44 -1.05 9.03
C ASN A 16 -1.08 -1.74 9.27
N MET A 17 -1.06 -2.80 10.08
CA MET A 17 0.18 -3.29 10.75
C MET A 17 1.03 -4.15 9.81
N THR A 18 2.34 -4.05 9.99
CA THR A 18 3.37 -4.78 9.17
C THR A 18 4.27 -5.60 10.10
N ILE A 19 4.93 -6.62 9.55
CA ILE A 19 6.01 -7.34 10.25
C ILE A 19 7.32 -7.23 9.47
N LEU A 20 8.42 -7.02 10.19
CA LEU A 20 9.79 -7.16 9.64
C LEU A 20 10.50 -8.28 10.39
N VAL A 21 11.08 -9.21 9.65
CA VAL A 21 11.91 -10.32 10.21
C VAL A 21 13.36 -9.83 10.26
N HIS A 22 13.99 -9.93 11.43
CA HIS A 22 15.38 -9.50 11.70
C HIS A 22 16.35 -10.67 11.55
N SER A 23 15.91 -11.90 11.84
CA SER A 23 16.76 -13.11 11.80
C SER A 23 17.02 -13.49 10.33
N LYS A 24 18.16 -14.14 10.08
CA LYS A 24 18.59 -14.51 8.71
C LYS A 24 17.98 -15.86 8.33
N HIS A 25 17.39 -15.96 7.14
CA HIS A 25 16.79 -17.21 6.61
C HIS A 25 17.06 -17.30 5.11
N ASP A 26 16.99 -18.50 4.57
CA ASP A 26 17.06 -18.78 3.12
C ASP A 26 15.83 -18.13 2.46
N ALA A 27 16.07 -17.38 1.39
CA ALA A 27 15.02 -16.71 0.59
C ALA A 27 13.93 -17.70 0.20
N SER A 28 14.29 -18.98 0.01
CA SER A 28 13.36 -20.09 -0.34
C SER A 28 12.27 -20.24 0.75
N GLU A 29 12.60 -19.98 2.01
CA GLU A 29 11.69 -20.19 3.18
C GLU A 29 10.70 -19.03 3.34
N TYR A 30 10.97 -17.87 2.73
CA TYR A 30 10.29 -16.59 3.02
C TYR A 30 8.77 -16.72 2.94
N ALA A 31 8.24 -17.30 1.86
CA ALA A 31 6.78 -17.44 1.62
C ALA A 31 6.14 -18.28 2.73
N SER A 32 6.78 -19.38 3.11
CA SER A 32 6.32 -20.32 4.18
C SER A 32 6.37 -19.62 5.55
N ILE A 33 7.48 -18.94 5.86
CA ILE A 33 7.65 -18.19 7.14
C ILE A 33 6.56 -17.12 7.24
N ALA A 34 6.31 -16.39 6.15
CA ALA A 34 5.35 -15.26 6.12
C ALA A 34 3.92 -15.78 6.36
N ASN A 35 3.54 -16.88 5.71
CA ASN A 35 2.22 -17.54 5.90
C ASN A 35 2.02 -17.94 7.38
N GLN A 36 3.05 -18.50 8.02
CA GLN A 36 2.99 -18.91 9.43
C GLN A 36 2.93 -17.67 10.34
N LEU A 37 3.69 -16.62 10.05
CA LEU A 37 3.62 -15.34 10.81
C LEU A 37 2.25 -14.70 10.63
N MET A 38 1.62 -14.86 9.46
CA MET A 38 0.27 -14.30 9.17
C MET A 38 -0.75 -14.96 10.09
N ALA A 39 -0.67 -16.29 10.25
CA ALA A 39 -1.54 -17.08 11.17
C ALA A 39 -1.22 -16.70 12.62
N ALA A 40 0.06 -16.55 12.96
CA ALA A 40 0.53 -16.22 14.33
C ALA A 40 0.03 -14.82 14.73
N THR A 41 0.26 -13.81 13.87
CA THR A 41 0.17 -12.36 14.23
C THR A 41 -1.04 -11.66 13.59
N HIS A 42 -1.77 -12.33 12.68
CA HIS A 42 -2.97 -11.77 12.00
C HIS A 42 -2.57 -10.60 11.10
N VAL A 43 -1.32 -10.58 10.66
CA VAL A 43 -0.85 -9.57 9.68
C VAL A 43 -0.88 -10.21 8.30
N CYS A 44 -1.34 -9.47 7.30
CA CYS A 44 -1.37 -9.99 5.92
C CYS A 44 0.06 -10.22 5.42
N CYS A 45 0.27 -11.38 4.82
CA CYS A 45 1.53 -11.81 4.16
C CYS A 45 2.20 -10.75 3.29
N GLU A 46 1.42 -10.03 2.49
CA GLU A 46 1.98 -8.96 1.62
C GLU A 46 2.70 -7.92 2.49
N GLN A 47 2.40 -7.84 3.79
CA GLN A 47 2.99 -6.85 4.72
C GLN A 47 3.97 -7.56 5.67
N VAL A 48 4.50 -8.72 5.26
CA VAL A 48 5.66 -9.39 5.94
C VAL A 48 6.91 -9.19 5.09
N GLY A 49 7.92 -8.52 5.66
CA GLY A 49 9.19 -8.21 4.99
C GLY A 49 10.35 -8.85 5.71
N PHE A 50 11.40 -9.18 4.96
CA PHE A 50 12.67 -9.75 5.47
C PHE A 50 13.79 -8.73 5.26
N ILE A 51 14.45 -8.36 6.36
CA ILE A 51 15.64 -7.46 6.32
C ILE A 51 16.85 -8.34 6.04
N GLU A 52 17.44 -8.19 4.85
CA GLU A 52 18.67 -8.92 4.44
C GLU A 52 19.89 -8.01 4.64
N SER A 53 21.02 -8.62 5.04
CA SER A 53 22.29 -7.93 5.38
C SER A 53 23.32 -8.12 4.27
N PHE A 62 21.46 -1.43 3.01
CA PHE A 62 20.03 -1.42 3.44
C PHE A 62 19.16 -2.16 2.42
N HIS A 63 18.58 -3.31 2.80
CA HIS A 63 17.88 -4.22 1.85
C HIS A 63 16.66 -4.96 2.44
N LEU A 64 15.50 -4.79 1.80
CA LEU A 64 14.18 -5.27 2.28
C LEU A 64 13.57 -6.17 1.22
N VAL A 65 13.28 -7.41 1.58
CA VAL A 65 12.67 -8.41 0.65
C VAL A 65 11.29 -8.78 1.18
N MET A 66 10.24 -8.43 0.43
CA MET A 66 8.85 -8.75 0.82
C MET A 66 8.59 -10.22 0.48
N SER A 67 7.73 -10.87 1.26
CA SER A 67 7.50 -12.34 1.24
C SER A 67 7.07 -12.81 -0.16
N GLY A 68 6.34 -11.97 -0.89
CA GLY A 68 5.88 -12.24 -2.28
C GLY A 68 6.69 -11.49 -3.33
N ASN A 69 7.86 -10.96 -2.96
CA ASN A 69 8.85 -10.29 -3.86
C ASN A 69 8.24 -9.08 -4.58
N GLU A 70 7.22 -8.46 -4.01
CA GLU A 70 6.60 -7.22 -4.55
C GLU A 70 7.18 -6.04 -3.77
N PHE A 71 6.94 -4.82 -4.25
CA PHE A 71 7.21 -3.59 -3.48
C PHE A 71 6.03 -3.38 -2.52
N CYS A 72 6.31 -2.88 -1.32
CA CYS A 72 5.28 -2.57 -0.31
C CYS A 72 5.64 -1.26 0.42
N GLY A 73 4.87 -0.20 0.16
CA GLY A 73 5.13 1.16 0.70
C GLY A 73 5.18 1.18 2.22
N ASN A 74 4.14 0.70 2.89
CA ASN A 74 4.04 0.89 4.37
C ASN A 74 5.01 -0.06 5.09
N ALA A 75 5.35 -1.20 4.48
CA ALA A 75 6.43 -2.08 4.97
C ALA A 75 7.78 -1.38 4.83
N THR A 76 8.02 -0.68 3.70
CA THR A 76 9.25 0.09 3.52
C THR A 76 9.27 1.22 4.57
N MET A 77 8.14 1.88 4.80
CA MET A 77 8.05 2.96 5.83
C MET A 77 8.38 2.37 7.21
N SER A 78 7.88 1.17 7.49
CA SER A 78 8.19 0.43 8.75
C SER A 78 9.70 0.17 8.84
N TYR A 79 10.33 -0.22 7.73
CA TYR A 79 11.79 -0.50 7.65
C TYR A 79 12.58 0.77 7.99
N ILE A 80 12.16 1.92 7.47
CA ILE A 80 12.82 3.24 7.74
C ILE A 80 12.72 3.54 9.23
N HIS A 81 11.53 3.36 9.81
CA HIS A 81 11.28 3.54 11.26
C HIS A 81 12.23 2.63 12.05
N HIS A 82 12.32 1.36 11.67
CA HIS A 82 13.25 0.37 12.29
C HIS A 82 14.67 0.95 12.29
N LEU A 83 15.13 1.50 11.17
CA LEU A 83 16.53 2.00 11.06
C LEU A 83 16.71 3.22 11.97
N GLN A 84 15.75 4.13 11.99
CA GLN A 84 15.83 5.36 12.84
C GLN A 84 15.91 4.89 14.31
N GLU A 85 14.98 4.03 14.71
CA GLU A 85 14.80 3.55 16.10
C GLU A 85 16.02 2.68 16.49
N SER A 86 16.41 1.75 15.61
CA SER A 86 17.48 0.74 15.84
C SER A 86 18.84 1.43 15.86
N HIS A 87 19.02 2.46 15.03
CA HIS A 87 20.27 3.27 14.98
C HIS A 87 19.97 4.67 14.45
N ASP A 91 16.93 12.79 10.83
CA ASP A 91 16.30 13.40 9.63
C ASP A 91 17.30 13.37 8.46
N GLN A 92 16.98 12.59 7.42
CA GLN A 92 17.90 12.41 6.27
C GLN A 92 17.20 11.75 5.08
N GLN A 93 17.78 11.99 3.91
CA GLN A 93 17.32 11.45 2.61
C GLN A 93 18.31 10.34 2.24
N PHE A 94 17.79 9.18 1.81
CA PHE A 94 18.65 8.05 1.38
C PHE A 94 17.82 7.11 0.51
N LYS A 95 18.47 6.08 -0.03
CA LYS A 95 17.81 5.12 -0.94
C LYS A 95 17.93 3.73 -0.32
N VAL A 96 16.92 2.90 -0.53
CA VAL A 96 16.86 1.52 0.00
C VAL A 96 16.62 0.56 -1.16
N LYS A 97 17.28 -0.59 -1.14
CA LYS A 97 16.98 -1.69 -2.08
C LYS A 97 15.76 -2.43 -1.54
N VAL A 98 14.67 -2.46 -2.32
CA VAL A 98 13.43 -3.19 -1.96
C VAL A 98 13.10 -4.13 -3.11
N SER A 99 12.58 -5.32 -2.78
CA SER A 99 12.03 -6.30 -3.75
C SER A 99 10.98 -5.60 -4.62
N GLY A 100 10.89 -6.05 -5.88
CA GLY A 100 9.86 -5.61 -6.85
C GLY A 100 10.23 -4.29 -7.52
N CYS A 101 11.47 -3.83 -7.37
CA CYS A 101 11.92 -2.56 -7.96
C CYS A 101 13.18 -2.76 -8.78
N SER A 102 13.25 -2.10 -9.92
CA SER A 102 14.44 -2.13 -10.79
C SER A 102 15.50 -1.17 -10.23
N ASP A 103 15.10 -0.06 -9.64
CA ASP A 103 16.06 0.90 -9.06
C ASP A 103 15.87 0.91 -7.54
N LEU A 104 16.84 1.47 -6.84
CA LEU A 104 16.68 1.76 -5.41
C LEU A 104 15.52 2.75 -5.20
N VAL A 105 14.89 2.68 -4.03
CA VAL A 105 13.67 3.45 -3.66
C VAL A 105 14.09 4.65 -2.83
N GLN A 106 13.68 5.86 -3.21
CA GLN A 106 13.96 7.08 -2.40
C GLN A 106 13.15 7.03 -1.11
N CYS A 107 13.84 7.20 0.02
CA CYS A 107 13.25 7.23 1.37
C CYS A 107 13.74 8.46 2.12
N ALA A 108 12.93 8.94 3.05
CA ALA A 108 13.29 10.09 3.91
C ALA A 108 12.77 9.83 5.32
N ILE A 109 13.59 10.21 6.30
CA ILE A 109 13.18 10.38 7.71
C ILE A 109 12.84 11.86 7.90
N HIS A 110 11.63 12.15 8.33
CA HIS A 110 11.19 13.52 8.69
C HIS A 110 11.09 13.61 10.21
N ASP A 111 10.80 14.79 10.73
CA ASP A 111 10.61 15.05 12.18
C ASP A 111 9.33 14.36 12.68
N CYS A 112 9.27 14.08 13.98
CA CYS A 112 8.08 13.59 14.71
C CYS A 112 7.68 12.19 14.22
N GLN A 113 8.69 11.36 13.87
CA GLN A 113 8.51 9.95 13.45
C GLN A 113 7.61 9.88 12.20
N TYR A 114 7.70 10.88 11.31
CA TYR A 114 7.14 10.82 9.94
C TYR A 114 8.19 10.23 9.02
N TYR A 115 7.78 9.30 8.16
CA TYR A 115 8.67 8.60 7.20
C TYR A 115 8.07 8.69 5.79
N GLU A 116 8.90 8.99 4.80
CA GLU A 116 8.45 9.22 3.42
C GLU A 116 9.03 8.15 2.51
N VAL A 117 8.20 7.60 1.61
CA VAL A 117 8.62 6.56 0.63
C VAL A 117 8.09 6.92 -0.76
N GLN A 118 9.01 6.88 -1.72
CA GLN A 118 8.70 6.92 -3.18
C GLN A 118 7.78 5.74 -3.52
N MET A 119 6.72 6.00 -4.27
CA MET A 119 5.71 4.95 -4.60
C MET A 119 5.80 4.61 -6.08
N PRO A 120 5.26 3.44 -6.49
CA PRO A 120 5.41 3.00 -7.88
C PRO A 120 4.83 4.02 -8.85
N GLN A 121 5.48 4.21 -9.98
CA GLN A 121 5.00 5.14 -11.03
C GLN A 121 3.77 4.52 -11.72
N ALA A 122 2.70 5.29 -11.82
CA ALA A 122 1.54 4.96 -12.67
C ALA A 122 2.01 4.86 -14.13
N HIS A 123 1.67 3.76 -14.80
CA HIS A 123 1.95 3.59 -16.24
C HIS A 123 0.93 4.34 -17.08
N ARG A 124 -0.32 4.41 -16.65
CA ARG A 124 -1.27 5.30 -17.36
C ARG A 124 -2.52 5.56 -16.54
N VAL A 125 -3.08 6.73 -16.76
CA VAL A 125 -4.37 7.10 -16.14
C VAL A 125 -5.36 7.40 -17.23
N VAL A 126 -6.59 6.93 -17.02
CA VAL A 126 -7.68 7.03 -18.01
C VAL A 126 -8.94 7.36 -17.23
N PRO A 127 -9.62 8.49 -17.55
CA PRO A 127 -10.91 8.77 -16.97
C PRO A 127 -11.89 7.74 -17.54
N THR A 128 -12.80 7.23 -16.71
CA THR A 128 -13.74 6.16 -17.12
C THR A 128 -15.03 6.36 -16.34
N THR A 129 -16.03 5.53 -16.63
CA THR A 129 -17.28 5.40 -15.84
C THR A 129 -17.47 3.91 -15.55
N ILE A 130 -17.98 3.60 -14.37
CA ILE A 130 -18.36 2.20 -14.02
C ILE A 130 -19.85 2.19 -13.68
N ASN A 131 -20.54 1.16 -14.15
CA ASN A 131 -21.98 0.94 -13.91
C ASN A 131 -22.10 -0.02 -12.72
N MET A 132 -22.63 0.47 -11.60
CA MET A 132 -22.85 -0.34 -10.39
C MET A 132 -24.31 -0.19 -9.96
N GLY A 133 -25.01 -1.31 -9.81
CA GLY A 133 -26.48 -1.34 -9.80
C GLY A 133 -26.98 -0.76 -11.11
N ASN A 134 -27.84 0.26 -11.04
CA ASN A 134 -28.36 0.98 -12.23
C ASN A 134 -28.00 2.46 -12.11
N HIS A 135 -26.72 2.74 -11.81
CA HIS A 135 -26.13 4.12 -11.83
C HIS A 135 -24.73 4.08 -12.47
N SER A 136 -24.29 5.20 -13.02
CA SER A 136 -22.93 5.39 -13.58
C SER A 136 -22.10 6.21 -12.60
N TRP A 137 -20.88 5.77 -12.31
CA TRP A 137 -19.93 6.47 -11.40
C TRP A 137 -18.70 6.88 -12.20
N LYS A 138 -18.40 8.18 -12.21
CA LYS A 138 -17.15 8.68 -12.80
C LYS A 138 -16.00 8.11 -11.96
N ALA A 139 -14.92 7.72 -12.60
CA ALA A 139 -13.74 7.14 -11.93
C ALA A 139 -12.49 7.45 -12.74
N LEU A 140 -11.35 7.46 -12.05
CA LEU A 140 -10.02 7.46 -12.70
C LEU A 140 -9.42 6.08 -12.55
N GLU A 141 -9.11 5.44 -13.69
CA GLU A 141 -8.39 4.16 -13.79
C GLU A 141 -6.89 4.46 -13.78
N ILE A 142 -6.18 3.94 -12.78
CA ILE A 142 -4.72 4.14 -12.61
C ILE A 142 -4.07 2.77 -12.76
N ILE A 143 -3.34 2.57 -13.86
CA ILE A 143 -2.71 1.27 -14.19
C ILE A 143 -1.24 1.34 -13.77
N TYR A 144 -0.83 0.38 -12.96
CA TYR A 144 0.58 0.14 -12.55
C TYR A 144 1.03 -1.16 -13.20
N GLU A 145 2.29 -1.52 -13.00
CA GLU A 145 2.90 -2.68 -13.68
C GLU A 145 2.06 -3.93 -13.39
N THR A 146 1.68 -4.14 -12.12
CA THR A 146 1.11 -5.43 -11.61
C THR A 146 -0.23 -5.21 -10.89
N TYR A 147 -0.85 -4.05 -11.02
CA TYR A 147 -2.15 -3.79 -10.36
C TYR A 147 -2.83 -2.57 -10.97
N VAL A 148 -4.13 -2.45 -10.74
CA VAL A 148 -4.94 -1.31 -11.24
C VAL A 148 -5.80 -0.82 -10.08
N HIS A 149 -5.88 0.50 -9.95
CA HIS A 149 -6.76 1.19 -8.98
C HIS A 149 -7.79 2.02 -9.74
N TYR A 150 -9.01 1.99 -9.27
CA TYR A 150 -10.10 2.91 -9.66
C TYR A 150 -10.36 3.86 -8.50
N VAL A 151 -10.02 5.12 -8.67
CA VAL A 151 -10.40 6.18 -7.70
C VAL A 151 -11.81 6.64 -8.07
N ILE A 152 -12.76 6.44 -7.16
CA ILE A 152 -14.20 6.73 -7.35
C ILE A 152 -14.60 7.85 -6.38
N PRO A 153 -14.71 9.10 -6.86
CA PRO A 153 -15.22 10.21 -6.03
C PRO A 153 -16.65 9.92 -5.57
N VAL A 154 -16.94 10.14 -4.29
CA VAL A 154 -18.28 9.90 -3.68
C VAL A 154 -18.61 11.10 -2.78
N LYS A 155 -19.91 11.35 -2.59
CA LYS A 155 -20.42 12.37 -1.65
C LYS A 155 -20.28 11.83 -0.23
N GLN A 156 -20.38 10.51 -0.08
CA GLN A 156 -20.22 9.80 1.21
C GLN A 156 -20.11 8.30 0.96
N VAL A 157 -19.37 7.61 1.82
CA VAL A 157 -19.22 6.13 1.75
C VAL A 157 -20.37 5.52 2.55
N THR A 158 -21.15 4.67 1.90
CA THR A 158 -22.29 4.00 2.53
C THR A 158 -22.10 2.50 2.39
N THR A 159 -22.82 1.79 3.24
CA THR A 159 -22.84 0.31 3.22
C THR A 159 -23.31 -0.15 1.84
N GLU A 160 -24.33 0.52 1.30
CA GLU A 160 -24.90 0.15 -0.02
C GLU A 160 -23.80 0.26 -1.09
N ILE A 161 -23.09 1.37 -1.08
CA ILE A 161 -22.01 1.61 -2.09
C ILE A 161 -20.96 0.51 -1.93
N GLN A 162 -20.63 0.13 -0.70
CA GLN A 162 -19.61 -0.91 -0.45
C GLN A 162 -20.05 -2.24 -1.05
N HIS A 163 -21.32 -2.57 -0.92
CA HIS A 163 -21.85 -3.84 -1.45
C HIS A 163 -21.83 -3.80 -2.98
N LEU A 164 -22.19 -2.65 -3.54
CA LEU A 164 -22.19 -2.52 -5.02
C LEU A 164 -20.77 -2.71 -5.57
N VAL A 165 -19.78 -2.11 -4.90
CA VAL A 165 -18.35 -2.21 -5.30
C VAL A 165 -17.89 -3.67 -5.17
N GLU A 166 -18.30 -4.38 -4.12
CA GLU A 166 -17.93 -5.80 -3.91
C GLU A 166 -18.49 -6.64 -5.06
N ALA A 167 -19.80 -6.51 -5.31
CA ALA A 167 -20.51 -7.20 -6.42
C ALA A 167 -19.80 -6.88 -7.74
N PHE A 168 -19.53 -5.59 -7.99
CA PHE A 168 -18.89 -5.11 -9.24
C PHE A 168 -17.58 -5.85 -9.49
N VAL A 169 -16.66 -5.85 -8.52
CA VAL A 169 -15.32 -6.45 -8.75
C VAL A 169 -15.46 -7.95 -8.92
N ARG A 170 -16.37 -8.57 -8.18
CA ARG A 170 -16.58 -10.04 -8.25
C ARG A 170 -17.09 -10.43 -9.64
N GLU A 171 -17.94 -9.59 -10.23
CA GLU A 171 -18.63 -9.93 -11.51
C GLU A 171 -17.72 -9.69 -12.72
N GLN A 172 -16.70 -8.84 -12.60
CA GLN A 172 -15.84 -8.44 -13.74
C GLN A 172 -14.79 -9.51 -14.04
N GLN A 173 -14.46 -9.68 -15.32
CA GLN A 173 -13.29 -10.44 -15.82
C GLN A 173 -12.09 -9.48 -15.81
N TRP A 174 -11.07 -9.77 -14.99
CA TRP A 174 -9.91 -8.86 -14.78
C TRP A 174 -8.70 -9.39 -15.55
N SER A 175 -7.97 -8.48 -16.19
CA SER A 175 -6.68 -8.77 -16.87
C SER A 175 -5.76 -9.52 -15.90
N HIS A 176 -5.06 -10.52 -16.42
CA HIS A 176 -4.10 -11.38 -15.66
C HIS A 176 -2.81 -10.58 -15.39
N LYS A 177 -2.67 -9.42 -16.04
CA LYS A 177 -1.61 -8.42 -15.72
C LYS A 177 -1.73 -8.00 -14.25
N TYR A 178 -2.96 -7.88 -13.73
CA TYR A 178 -3.26 -7.29 -12.41
C TYR A 178 -3.33 -8.37 -11.33
N LYS A 179 -2.30 -8.42 -10.49
CA LYS A 179 -2.28 -9.24 -9.24
C LYS A 179 -3.42 -8.79 -8.31
N THR A 180 -3.62 -7.48 -8.17
CA THR A 180 -4.71 -6.90 -7.33
C THR A 180 -5.48 -5.86 -8.13
N VAL A 181 -6.75 -5.71 -7.80
CA VAL A 181 -7.64 -4.62 -8.29
C VAL A 181 -8.07 -3.79 -7.07
N GLY A 182 -7.85 -2.49 -7.15
CA GLY A 182 -8.24 -1.54 -6.09
C GLY A 182 -9.47 -0.74 -6.47
N MET A 183 -10.44 -0.73 -5.58
CA MET A 183 -11.62 0.18 -5.67
C MET A 183 -11.46 1.19 -4.53
N MET A 184 -11.02 2.39 -4.88
CA MET A 184 -10.63 3.43 -3.91
C MET A 184 -11.76 4.46 -3.85
N LEU A 185 -12.75 4.19 -2.99
CA LEU A 185 -13.86 5.14 -2.71
C LEU A 185 -13.29 6.35 -1.97
N PHE A 186 -13.39 7.52 -2.58
CA PHE A 186 -12.77 8.76 -2.04
C PHE A 186 -13.83 9.85 -1.86
N ASP A 187 -14.13 10.15 -0.59
CA ASP A 187 -14.90 11.34 -0.19
C ASP A 187 -13.98 12.56 -0.26
N GLU A 188 -14.06 13.31 -1.36
CA GLU A 188 -13.12 14.42 -1.66
C GLU A 188 -13.19 15.51 -0.57
N GLN A 189 -14.38 15.89 -0.15
CA GLN A 189 -14.56 17.04 0.79
C GLN A 189 -14.01 16.64 2.16
N ARG A 190 -14.25 15.40 2.59
CA ARG A 190 -13.78 14.87 3.90
C ARG A 190 -12.35 14.29 3.78
N GLN A 191 -11.81 14.21 2.57
CA GLN A 191 -10.44 13.68 2.31
C GLN A 191 -10.32 12.29 2.91
N PHE A 192 -11.38 11.50 2.76
CA PHE A 192 -11.52 10.17 3.38
C PHE A 192 -11.54 9.10 2.29
N LEU A 193 -10.62 8.13 2.43
CA LEU A 193 -10.49 6.95 1.55
C LEU A 193 -11.07 5.71 2.26
N GLN A 194 -11.98 5.01 1.56
CA GLN A 194 -12.48 3.68 1.95
C GLN A 194 -11.95 2.69 0.93
N PRO A 195 -10.84 1.98 1.23
CA PRO A 195 -10.13 1.20 0.22
C PRO A 195 -10.61 -0.25 0.20
N LEU A 196 -10.84 -0.78 -1.00
N LEU A 196 -10.85 -0.76 -0.99
CA LEU A 196 -11.14 -2.21 -1.23
CA LEU A 196 -11.12 -2.20 -1.22
C LEU A 196 -10.07 -2.78 -2.16
C LEU A 196 -10.04 -2.76 -2.14
N ILE A 197 -9.40 -3.84 -1.72
CA ILE A 197 -8.40 -4.60 -2.52
C ILE A 197 -9.05 -5.96 -2.83
N TYR A 198 -9.09 -6.28 -4.12
CA TYR A 198 -9.59 -7.55 -4.68
C TYR A 198 -8.41 -8.31 -5.26
N ILE A 199 -8.24 -9.58 -4.86
CA ILE A 199 -7.25 -10.52 -5.46
C ILE A 199 -8.03 -11.45 -6.39
N PRO A 200 -8.01 -11.22 -7.72
CA PRO A 200 -8.74 -12.09 -8.65
C PRO A 200 -8.41 -13.59 -8.53
N GLU A 201 -7.13 -13.95 -8.40
CA GLU A 201 -6.64 -15.34 -8.34
C GLU A 201 -7.48 -16.16 -7.35
N ILE A 202 -7.68 -15.62 -6.15
CA ILE A 202 -8.36 -16.35 -5.04
C ILE A 202 -9.66 -15.65 -4.68
N GLN A 203 -10.13 -14.76 -5.55
CA GLN A 203 -11.46 -14.11 -5.43
C GLN A 203 -11.71 -13.57 -4.01
N SER A 204 -10.70 -13.02 -3.36
CA SER A 204 -10.84 -12.48 -1.99
C SER A 204 -10.92 -10.96 -2.00
N LEU A 205 -11.76 -10.43 -1.12
CA LEU A 205 -12.00 -8.98 -0.97
C LEU A 205 -11.53 -8.59 0.41
N ILE A 206 -10.80 -7.51 0.52
CA ILE A 206 -10.48 -6.98 1.86
C ILE A 206 -10.53 -5.47 1.85
N TRP A 207 -11.27 -4.93 2.79
CA TRP A 207 -11.36 -3.48 2.98
C TRP A 207 -10.15 -2.98 3.77
N GLU A 208 -8.99 -2.87 3.12
CA GLU A 208 -7.75 -2.32 3.74
C GLU A 208 -6.89 -1.68 2.65
N ASN A 209 -6.21 -0.59 3.00
CA ASN A 209 -5.29 0.17 2.11
C ASN A 209 -3.95 -0.58 2.06
N SER A 210 -3.96 -1.75 1.43
CA SER A 210 -2.82 -2.70 1.46
C SER A 210 -1.56 -1.99 0.96
N CYS A 211 -0.50 -2.07 1.76
CA CYS A 211 0.82 -1.44 1.48
C CYS A 211 0.77 0.08 1.32
N GLY A 212 -0.32 0.77 1.70
CA GLY A 212 -0.53 2.22 1.45
C GLY A 212 -0.64 2.60 -0.03
N SER A 213 -0.86 1.65 -0.93
CA SER A 213 -0.90 1.90 -2.40
C SER A 213 -2.03 2.85 -2.81
N GLY A 214 -3.18 2.74 -2.18
CA GLY A 214 -4.34 3.58 -2.52
C GLY A 214 -4.10 5.05 -2.25
N THR A 215 -3.32 5.34 -1.21
CA THR A 215 -2.98 6.73 -0.82
C THR A 215 -2.22 7.40 -1.96
N ALA A 216 -1.25 6.70 -2.52
CA ALA A 216 -0.50 7.21 -3.70
C ALA A 216 -1.49 7.46 -4.85
N SER A 217 -2.42 6.54 -5.09
CA SER A 217 -3.43 6.69 -6.18
C SER A 217 -4.27 7.96 -5.98
N ILE A 218 -4.57 8.35 -4.74
CA ILE A 218 -5.31 9.61 -4.45
C ILE A 218 -4.46 10.80 -4.91
N GLY A 219 -3.14 10.75 -4.71
CA GLY A 219 -2.24 11.83 -5.16
C GLY A 219 -2.28 12.01 -6.67
N VAL A 220 -2.24 10.90 -7.41
CA VAL A 220 -2.32 10.88 -8.90
C VAL A 220 -3.68 11.46 -9.30
N PHE A 221 -4.75 11.00 -8.65
CA PHE A 221 -6.13 11.52 -8.85
C PHE A 221 -6.13 13.06 -8.70
N ASN A 222 -5.53 13.60 -7.63
CA ASN A 222 -5.52 15.07 -7.38
C ASN A 222 -4.81 15.80 -8.51
N ASN A 223 -3.64 15.30 -8.92
CA ASN A 223 -2.84 15.85 -10.06
C ASN A 223 -3.72 15.91 -11.31
N TYR A 224 -4.37 14.79 -11.66
CA TYR A 224 -5.21 14.65 -12.88
C TYR A 224 -6.39 15.62 -12.80
N GLN A 225 -7.10 15.60 -11.68
CA GLN A 225 -8.36 16.35 -11.45
C GLN A 225 -8.16 17.86 -11.49
N ARG A 226 -7.08 18.38 -10.92
CA ARG A 226 -6.92 19.83 -10.63
C ARG A 226 -5.71 20.43 -11.32
N ASN A 227 -4.87 19.59 -11.93
CA ASN A 227 -3.52 20.00 -12.43
C ASN A 227 -2.74 20.70 -11.31
N ASP A 228 -2.95 20.29 -10.07
CA ASP A 228 -2.25 20.89 -8.91
C ASP A 228 -1.38 19.83 -8.28
N ALA A 229 -0.14 20.17 -8.01
CA ALA A 229 0.76 19.29 -7.24
C ALA A 229 0.13 19.08 -5.87
N CYS A 230 0.25 17.85 -5.37
CA CYS A 230 -0.03 17.45 -3.97
C CYS A 230 1.24 17.66 -3.17
N LYS A 231 1.14 18.30 -2.00
CA LYS A 231 2.26 18.37 -1.02
C LYS A 231 1.69 18.15 0.37
N ASP A 232 2.01 17.01 0.99
CA ASP A 232 1.50 16.62 2.33
C ASP A 232 -0.04 16.75 2.33
N PHE A 233 -0.70 16.21 1.30
CA PHE A 233 -2.18 16.12 1.22
C PHE A 233 -2.62 14.98 2.13
N THR A 234 -3.48 15.27 3.09
CA THR A 234 -3.94 14.28 4.09
C THR A 234 -5.00 13.37 3.49
N VAL A 235 -4.76 12.05 3.55
CA VAL A 235 -5.73 11.02 3.12
C VAL A 235 -6.11 10.21 4.36
N HIS A 236 -7.24 10.56 4.96
CA HIS A 236 -7.85 9.81 6.09
C HIS A 236 -8.35 8.46 5.56
N GLN A 237 -8.20 7.41 6.37
CA GLN A 237 -8.73 6.05 6.08
C GLN A 237 -9.19 5.45 7.41
N PRO A 238 -9.92 4.32 7.41
CA PRO A 238 -10.28 3.68 8.68
C PRO A 238 -8.99 3.39 9.47
N GLY A 239 -8.91 3.91 10.68
CA GLY A 239 -7.82 3.57 11.62
C GLY A 239 -6.57 4.41 11.42
N GLY A 240 -6.57 5.41 10.53
CA GLY A 240 -5.44 6.36 10.47
C GLY A 240 -5.47 7.33 9.29
N SER A 241 -4.38 8.06 9.14
CA SER A 241 -4.17 9.11 8.11
C SER A 241 -2.77 8.91 7.53
N ILE A 242 -2.63 9.09 6.21
CA ILE A 242 -1.34 9.05 5.48
C ILE A 242 -1.32 10.28 4.57
N LEU A 243 -0.16 10.92 4.44
CA LEU A 243 0.00 12.10 3.57
C LEU A 243 0.49 11.62 2.19
N VAL A 244 0.07 12.32 1.15
CA VAL A 244 0.59 12.04 -0.22
C VAL A 244 1.16 13.33 -0.83
N THR A 245 2.35 13.22 -1.40
CA THR A 245 2.98 14.24 -2.27
C THR A 245 3.03 13.67 -3.69
N SER A 246 2.55 14.41 -4.67
CA SER A 246 2.45 13.93 -6.06
C SER A 246 2.50 15.11 -7.03
N LYS A 247 3.21 14.93 -8.13
CA LYS A 247 3.45 15.97 -9.17
C LYS A 247 3.62 15.27 -10.52
N CYS A 249 5.60 15.67 -13.76
CA CYS A 249 6.95 16.28 -14.06
C CYS A 249 7.33 16.00 -15.52
N HIS A 250 6.63 16.64 -16.46
CA HIS A 250 6.88 16.52 -17.93
C HIS A 250 7.12 15.03 -18.27
N GLN A 251 8.20 14.71 -18.99
CA GLN A 251 8.40 13.36 -19.59
C GLN A 251 8.75 12.32 -18.52
N LEU A 252 9.03 12.74 -17.28
CA LEU A 252 9.31 11.79 -16.17
C LEU A 252 8.01 11.14 -15.71
N GLY A 253 6.87 11.76 -16.00
CA GLY A 253 5.54 11.26 -15.62
C GLY A 253 5.18 11.62 -14.18
N TYR A 254 4.27 10.86 -13.57
CA TYR A 254 3.83 11.07 -12.17
C TYR A 254 5.01 10.74 -11.25
N GLN A 255 5.31 11.66 -10.32
CA GLN A 255 6.28 11.44 -9.21
C GLN A 255 5.49 11.51 -7.91
N THR A 256 5.42 10.39 -7.19
CA THR A 256 4.46 10.21 -6.08
C THR A 256 5.18 9.58 -4.90
N SER A 257 4.94 10.14 -3.71
CA SER A 257 5.47 9.59 -2.44
C SER A 257 4.37 9.66 -1.39
N ILE A 258 4.45 8.79 -0.39
CA ILE A 258 3.55 8.83 0.78
C ILE A 258 4.40 9.08 2.02
N LYS A 259 3.79 9.72 3.02
CA LYS A 259 4.47 10.11 4.27
C LYS A 259 3.51 9.82 5.43
N GLY A 260 4.00 9.12 6.45
CA GLY A 260 3.12 8.70 7.57
C GLY A 260 3.92 8.43 8.81
N GLN A 261 3.23 8.42 9.95
CA GLN A 261 3.85 8.01 11.23
C GLN A 261 3.82 6.49 11.34
N VAL A 262 4.89 5.95 11.91
CA VAL A 262 5.02 4.51 12.25
C VAL A 262 5.38 4.45 13.73
N THR A 263 4.71 3.58 14.49
CA THR A 263 5.14 3.20 15.85
C THR A 263 5.39 1.70 15.86
N THR A 264 6.36 1.28 16.67
CA THR A 264 6.63 -0.14 16.95
C THR A 264 5.54 -0.65 17.90
N VAL A 265 4.88 -1.75 17.54
CA VAL A 265 3.79 -2.37 18.35
C VAL A 265 4.40 -3.41 19.29
N ALA A 266 5.30 -4.24 18.77
CA ALA A 266 5.89 -5.37 19.50
C ALA A 266 7.19 -5.82 18.83
N THR A 267 8.05 -6.46 19.63
CA THR A 267 9.27 -7.14 19.16
C THR A 267 9.35 -8.49 19.87
N GLY A 268 9.86 -9.52 19.21
CA GLY A 268 10.07 -10.81 19.88
C GLY A 268 10.47 -11.91 18.94
N LYS A 269 10.17 -13.14 19.35
CA LYS A 269 10.51 -14.40 18.64
C LYS A 269 9.21 -15.15 18.39
N ALA A 270 8.96 -15.54 17.14
CA ALA A 270 7.88 -16.49 16.79
C ALA A 270 8.49 -17.88 16.60
N TYR A 271 7.70 -18.92 16.88
CA TYR A 271 8.09 -20.36 16.79
C TYR A 271 7.24 -21.03 15.71
N ILE A 272 7.88 -21.49 14.65
CA ILE A 272 7.18 -22.07 13.47
C ILE A 272 7.79 -23.42 13.09
N GLU A 273 7.07 -24.14 12.22
CA GLU A 273 7.40 -25.53 11.80
C GLU A 273 8.40 -25.51 10.65
N LEU A 274 9.31 -26.49 10.67
CA LEU A 274 10.43 -26.71 9.71
C LEU A 274 11.69 -26.04 10.24
C1 EDO B . 10.57 10.29 -1.32
O1 EDO B . 11.01 10.48 -2.65
C2 EDO B . 11.68 10.48 -0.36
O2 EDO B . 12.40 11.66 -0.66
C1 EDO C . 20.07 -3.72 -6.46
O1 EDO C . 21.50 -3.59 -6.60
C2 EDO C . 19.30 -2.92 -7.41
O2 EDO C . 17.87 -3.30 -7.35
#